data_5LMA
#
_entry.id   5LMA
#
_cell.length_a   39.175
_cell.length_b   87.454
_cell.length_c   39.851
_cell.angle_alpha   90.000
_cell.angle_beta   99.640
_cell.angle_gamma   90.000
#
_symmetry.space_group_name_H-M   'P 1 21 1'
#
loop_
_entity.id
_entity.type
_entity.pdbx_description
1 polymer 'Tyrosine-protein kinase SYK'
2 non-polymer "~{N}'-[7-(4-methylphenyl)pyrido[3,4-b]pyrazin-5-yl]butane-1,4-diamine"
3 non-polymer GLYCEROL
4 non-polymer 'DIMETHYL SULFOXIDE'
5 water water
#
_entity_poly.entity_id   1
_entity_poly.type   'polypeptide(L)'
_entity_poly.pdbx_seq_one_letter_code
;GPKEVYLDRKLLTLEDKELGSGNFGTVKKGYYQMKKVVKTVAVKILKNEANDPALKDELLAEANVMQQLDNPYIVRMIGI
CEAESWMLVMEMAELGPLNKYLQQNRHVKDKNIIELVHQVSMGMKYLEESNFVHRDLAARNVLLVTQHYAKISDFGLSKA
LRADEN(PTR)YKAQTHGKWPVKWYAPECINYYKFSSKSDVWSFGVLMWEAFSYGQKPYRGMKGSEVTAMLEKGERMGCP
AGCPREMYDLMNLCWTYDVENRPGFAAVELRLRNYYYDVVN
;
_entity_poly.pdbx_strand_id   A
#
loop_
_chem_comp.id
_chem_comp.type
_chem_comp.name
_chem_comp.formula
6ZG non-polymer ~{N}'-[7-(4-methylphenyl)pyrido[3,4-b]pyrazin-5-yl]butane-1,4-diamine 'C18 H21 N5'
DMS non-polymer 'DIMETHYL SULFOXIDE' 'C2 H6 O S'
GOL non-polymer GLYCEROL 'C3 H8 O3'
#
# COMPACT_ATOMS: atom_id res chain seq x y z
N VAL A 5 -23.19 5.08 -8.21
CA VAL A 5 -24.31 4.33 -7.57
C VAL A 5 -23.83 3.55 -6.33
N TYR A 6 -24.78 2.95 -5.62
CA TYR A 6 -24.46 2.18 -4.42
C TYR A 6 -24.79 0.70 -4.60
N LEU A 7 -24.06 -0.13 -3.89
CA LEU A 7 -24.36 -1.56 -3.83
C LEU A 7 -25.63 -1.76 -3.02
N ASP A 8 -26.29 -2.88 -3.25
CA ASP A 8 -27.50 -3.25 -2.56
C ASP A 8 -27.14 -4.01 -1.28
N ARG A 9 -27.48 -3.45 -0.13
CA ARG A 9 -27.17 -4.07 1.15
C ARG A 9 -27.72 -5.49 1.25
N LYS A 10 -28.84 -5.75 0.57
CA LYS A 10 -29.47 -7.06 0.65
C LYS A 10 -28.67 -8.14 -0.08
N LEU A 11 -27.77 -7.73 -0.97
CA LEU A 11 -26.90 -8.65 -1.69
C LEU A 11 -25.56 -8.89 -0.95
N LEU A 12 -25.34 -8.20 0.17
CA LEU A 12 -24.12 -8.34 0.97
C LEU A 12 -24.42 -9.13 2.24
N THR A 13 -23.60 -10.13 2.52
CA THR A 13 -23.68 -10.90 3.76
C THR A 13 -22.34 -10.82 4.48
N LEU A 14 -22.36 -10.30 5.71
CA LEU A 14 -21.15 -10.16 6.51
C LEU A 14 -20.93 -11.34 7.43
N GLU A 15 -19.72 -11.88 7.41
N GLU A 15 -19.70 -11.83 7.46
CA GLU A 15 -19.36 -13.04 8.22
CA GLU A 15 -19.29 -12.93 8.32
C GLU A 15 -18.78 -12.56 9.55
C GLU A 15 -18.77 -12.31 9.63
N ASP A 16 -18.91 -13.42 10.57
N ASP A 16 -18.66 -13.14 10.66
CA ASP A 16 -18.34 -13.14 11.88
CA ASP A 16 -18.17 -12.68 11.97
C ASP A 16 -16.84 -13.45 11.82
C ASP A 16 -16.65 -12.46 11.98
N LYS A 17 -16.09 -12.57 11.18
N LYS A 17 -15.95 -12.94 10.95
CA LYS A 17 -14.65 -12.74 10.99
CA LYS A 17 -14.50 -12.84 10.90
C LYS A 17 -14.00 -11.40 10.68
C LYS A 17 -14.00 -11.40 10.68
N GLU A 18 -13.19 -10.91 11.62
CA GLU A 18 -12.54 -9.60 11.50
C GLU A 18 -11.17 -9.76 10.88
N LEU A 19 -10.93 -9.02 9.80
CA LEU A 19 -9.67 -9.06 9.06
C LEU A 19 -8.69 -8.00 9.50
N GLY A 20 -9.22 -6.86 9.97
CA GLY A 20 -8.38 -5.76 10.39
C GLY A 20 -9.23 -4.70 11.06
N SER A 21 -8.56 -3.67 11.54
CA SER A 21 -9.21 -2.58 12.23
C SER A 21 -8.29 -1.39 12.29
N GLY A 22 -8.85 -0.27 12.67
CA GLY A 22 -8.10 0.97 12.82
C GLY A 22 -9.01 2.06 13.35
N ASN A 23 -8.54 3.29 13.28
CA ASN A 23 -9.32 4.40 13.80
C ASN A 23 -10.69 4.57 13.12
N PHE A 24 -10.81 4.05 11.90
CA PHE A 24 -12.03 4.17 11.10
C PHE A 24 -13.14 3.21 11.52
N GLY A 25 -12.77 2.10 12.15
CA GLY A 25 -13.71 1.00 12.37
C GLY A 25 -13.02 -0.33 12.14
N THR A 26 -13.69 -1.21 11.39
CA THR A 26 -13.21 -2.57 11.18
C THR A 26 -13.32 -3.00 9.74
N VAL A 27 -12.63 -4.09 9.41
CA VAL A 27 -12.74 -4.73 8.12
C VAL A 27 -13.19 -6.15 8.40
N LYS A 28 -14.29 -6.57 7.77
CA LYS A 28 -14.87 -7.90 7.98
C LYS A 28 -14.91 -8.68 6.69
N LYS A 29 -14.79 -10.00 6.81
CA LYS A 29 -15.00 -10.88 5.66
C LYS A 29 -16.50 -10.99 5.37
N GLY A 30 -16.83 -11.12 4.09
CA GLY A 30 -18.23 -11.29 3.70
C GLY A 30 -18.36 -11.88 2.31
N TYR A 31 -19.60 -11.88 1.81
CA TYR A 31 -19.88 -12.38 0.47
C TYR A 31 -20.86 -11.43 -0.17
N TYR A 32 -20.66 -11.18 -1.46
CA TYR A 32 -21.55 -10.32 -2.21
C TYR A 32 -22.06 -11.07 -3.44
N GLN A 33 -23.36 -10.97 -3.67
CA GLN A 33 -24.00 -11.63 -4.80
C GLN A 33 -23.75 -10.83 -6.06
N MET A 34 -23.00 -11.41 -7.00
CA MET A 34 -22.69 -10.77 -8.28
C MET A 34 -23.81 -11.11 -9.27
N LYS A 35 -23.60 -10.85 -10.56
CA LYS A 35 -24.63 -11.13 -11.56
C LYS A 35 -25.10 -12.59 -11.55
N LYS A 36 -24.21 -13.52 -11.16
CA LYS A 36 -24.61 -14.92 -10.97
C LYS A 36 -23.88 -15.62 -9.81
N VAL A 37 -22.55 -15.61 -9.84
CA VAL A 37 -21.79 -16.22 -8.75
C VAL A 37 -21.81 -15.33 -7.50
N VAL A 38 -21.39 -15.92 -6.38
CA VAL A 38 -21.21 -15.18 -5.13
C VAL A 38 -19.71 -14.98 -4.95
N LYS A 39 -19.33 -13.78 -4.52
CA LYS A 39 -17.92 -13.41 -4.45
C LYS A 39 -17.49 -13.10 -3.03
N THR A 40 -16.33 -13.63 -2.65
CA THR A 40 -15.76 -13.40 -1.32
C THR A 40 -15.20 -11.99 -1.26
N VAL A 41 -15.59 -11.24 -0.23
CA VAL A 41 -15.19 -9.84 -0.12
C VAL A 41 -14.66 -9.49 1.26
N ALA A 42 -13.88 -8.40 1.27
CA ALA A 42 -13.45 -7.73 2.50
C ALA A 42 -14.21 -6.43 2.53
N VAL A 43 -14.76 -6.10 3.69
CA VAL A 43 -15.63 -4.96 3.82
C VAL A 43 -15.15 -4.00 4.92
N LYS A 44 -14.74 -2.80 4.51
CA LYS A 44 -14.34 -1.76 5.44
C LYS A 44 -15.61 -1.07 5.92
N ILE A 45 -15.84 -1.11 7.23
CA ILE A 45 -17.08 -0.62 7.84
C ILE A 45 -16.77 0.48 8.85
N LEU A 46 -17.34 1.66 8.66
CA LEU A 46 -17.10 2.76 9.59
C LEU A 46 -17.73 2.50 10.94
N LYS A 47 -17.00 2.82 12.00
CA LYS A 47 -17.50 2.69 13.36
C LYS A 47 -18.62 3.68 13.64
N ASN A 48 -19.35 3.39 14.71
CA ASN A 48 -20.37 4.30 15.24
C ASN A 48 -21.40 4.71 14.20
N GLU A 49 -21.83 3.75 13.38
CA GLU A 49 -22.85 3.99 12.35
C GLU A 49 -22.54 5.18 11.44
N ALA A 50 -21.26 5.37 11.17
CA ALA A 50 -20.77 6.44 10.30
C ALA A 50 -21.21 7.82 10.78
N ASN A 51 -21.16 8.03 12.10
CA ASN A 51 -21.50 9.34 12.65
C ASN A 51 -20.51 10.41 12.24
N ASP A 52 -19.22 10.06 12.21
CA ASP A 52 -18.14 11.02 11.99
C ASP A 52 -18.08 11.53 10.54
N PRO A 53 -18.34 12.83 10.31
CA PRO A 53 -18.26 13.38 8.94
C PRO A 53 -16.89 13.20 8.29
N ALA A 54 -15.82 13.31 9.07
CA ALA A 54 -14.46 13.13 8.55
C ALA A 54 -14.22 11.71 8.03
N LEU A 55 -14.63 10.70 8.79
CA LEU A 55 -14.50 9.30 8.36
C LEU A 55 -15.33 9.04 7.11
N LYS A 56 -16.53 9.61 7.04
CA LYS A 56 -17.39 9.46 5.86
C LYS A 56 -16.72 10.07 4.63
N ASP A 57 -16.24 11.30 4.78
CA ASP A 57 -15.58 11.99 3.66
C ASP A 57 -14.36 11.19 3.21
N GLU A 58 -13.58 10.68 4.16
CA GLU A 58 -12.40 9.89 3.83
C GLU A 58 -12.72 8.59 3.11
N LEU A 59 -13.78 7.90 3.53
CA LEU A 59 -14.18 6.65 2.88
C LEU A 59 -14.61 6.92 1.44
N LEU A 60 -15.38 7.99 1.22
CA LEU A 60 -15.81 8.31 -0.13
C LEU A 60 -14.63 8.70 -1.01
N ALA A 61 -13.65 9.41 -0.45
CA ALA A 61 -12.46 9.76 -1.23
C ALA A 61 -11.66 8.50 -1.60
N GLU A 62 -11.55 7.57 -0.67
CA GLU A 62 -10.89 6.28 -0.90
C GLU A 62 -11.61 5.52 -2.04
N ALA A 63 -12.93 5.46 -1.95
CA ALA A 63 -13.74 4.82 -3.00
C ALA A 63 -13.55 5.53 -4.35
N ASN A 64 -13.53 6.86 -4.33
N ASN A 64 -13.54 6.85 -4.33
CA ASN A 64 -13.37 7.65 -5.54
CA ASN A 64 -13.38 7.64 -5.57
C ASN A 64 -12.07 7.29 -6.26
C ASN A 64 -12.04 7.41 -6.26
N VAL A 65 -10.99 7.14 -5.49
CA VAL A 65 -9.71 6.75 -6.07
C VAL A 65 -9.81 5.33 -6.63
N MET A 66 -10.28 4.39 -5.82
CA MET A 66 -10.33 2.99 -6.27
C MET A 66 -11.21 2.78 -7.51
N GLN A 67 -12.28 3.56 -7.63
CA GLN A 67 -13.19 3.48 -8.80
C GLN A 67 -12.45 3.74 -10.11
N GLN A 68 -11.41 4.56 -10.04
CA GLN A 68 -10.65 4.94 -11.22
C GLN A 68 -9.49 4.01 -11.55
N LEU A 69 -9.19 3.06 -10.67
CA LEU A 69 -8.05 2.16 -10.88
C LEU A 69 -8.52 0.80 -11.38
N ASP A 70 -7.76 0.22 -12.30
CA ASP A 70 -8.03 -1.13 -12.79
C ASP A 70 -6.69 -1.71 -13.21
N ASN A 71 -6.11 -2.49 -12.29
CA ASN A 71 -4.83 -3.11 -12.51
C ASN A 71 -4.78 -4.42 -11.72
N PRO A 72 -4.15 -5.45 -12.28
CA PRO A 72 -4.10 -6.74 -11.59
C PRO A 72 -3.37 -6.71 -10.23
N TYR A 73 -2.51 -5.72 -10.01
CA TYR A 73 -1.69 -5.67 -8.81
C TYR A 73 -2.18 -4.63 -7.82
N ILE A 74 -3.46 -4.27 -7.95
CA ILE A 74 -4.14 -3.35 -7.03
C ILE A 74 -5.47 -3.97 -6.61
N VAL A 75 -5.82 -3.85 -5.34
CA VAL A 75 -7.09 -4.37 -4.84
C VAL A 75 -8.26 -3.69 -5.57
N ARG A 76 -9.21 -4.49 -6.03
CA ARG A 76 -10.40 -4.02 -6.73
C ARG A 76 -11.54 -3.71 -5.76
N MET A 77 -12.14 -2.52 -5.92
CA MET A 77 -13.36 -2.18 -5.23
C MET A 77 -14.58 -2.71 -5.99
N ILE A 78 -15.46 -3.39 -5.27
CA ILE A 78 -16.74 -3.84 -5.84
C ILE A 78 -17.72 -2.65 -5.81
N GLY A 79 -17.75 -1.93 -4.69
CA GLY A 79 -18.57 -0.73 -4.57
C GLY A 79 -18.70 -0.25 -3.14
N ILE A 80 -19.57 0.73 -2.94
CA ILE A 80 -19.85 1.32 -1.63
C ILE A 80 -21.30 1.04 -1.30
N CYS A 81 -21.58 0.84 -0.03
CA CYS A 81 -22.93 0.59 0.46
C CYS A 81 -23.23 1.49 1.65
N GLU A 82 -24.37 2.19 1.59
CA GLU A 82 -24.85 3.00 2.70
C GLU A 82 -25.98 2.23 3.36
N ALA A 83 -25.72 1.70 4.54
CA ALA A 83 -26.71 0.89 5.27
C ALA A 83 -26.66 1.22 6.76
N GLU A 84 -26.51 0.21 7.62
CA GLU A 84 -26.39 0.47 9.07
C GLU A 84 -25.14 1.31 9.36
N SER A 85 -24.12 1.18 8.50
CA SER A 85 -22.99 2.10 8.46
C SER A 85 -22.60 2.25 7.00
N TRP A 86 -21.57 3.03 6.74
CA TRP A 86 -21.02 3.16 5.38
C TRP A 86 -19.98 2.06 5.23
N MET A 87 -19.99 1.42 4.06
CA MET A 87 -19.16 0.24 3.81
C MET A 87 -18.50 0.29 2.46
N LEU A 88 -17.22 -0.05 2.42
CA LEU A 88 -16.47 -0.14 1.17
C LEU A 88 -16.17 -1.61 0.96
N VAL A 89 -16.71 -2.16 -0.13
CA VAL A 89 -16.65 -3.60 -0.42
C VAL A 89 -15.58 -3.86 -1.45
N MET A 90 -14.64 -4.74 -1.13
CA MET A 90 -13.51 -5.04 -2.00
C MET A 90 -13.33 -6.54 -2.23
N GLU A 91 -12.71 -6.89 -3.34
CA GLU A 91 -12.35 -8.28 -3.59
C GLU A 91 -11.37 -8.71 -2.51
N MET A 92 -11.58 -9.86 -1.88
CA MET A 92 -10.69 -10.28 -0.78
C MET A 92 -9.38 -10.93 -1.24
N ALA A 93 -8.27 -10.49 -0.63
CA ALA A 93 -6.95 -11.05 -0.89
C ALA A 93 -6.75 -11.97 0.30
N GLU A 94 -6.97 -13.26 0.11
CA GLU A 94 -7.21 -14.11 1.26
C GLU A 94 -6.05 -14.51 2.15
N LEU A 95 -4.81 -14.26 1.72
N LEU A 95 -4.82 -14.26 1.72
CA LEU A 95 -3.66 -14.53 2.60
CA LEU A 95 -3.65 -14.53 2.58
C LEU A 95 -3.29 -13.33 3.46
C LEU A 95 -3.31 -13.34 3.48
N GLY A 96 -3.86 -12.17 3.19
CA GLY A 96 -3.66 -11.00 4.05
C GLY A 96 -2.37 -10.22 3.86
N PRO A 97 -2.06 -9.36 4.83
CA PRO A 97 -0.90 -8.49 4.70
C PRO A 97 0.45 -9.20 4.54
N LEU A 98 1.27 -8.65 3.64
CA LEU A 98 2.57 -9.19 3.32
C LEU A 98 3.51 -9.27 4.50
N ASN A 99 3.55 -8.23 5.33
CA ASN A 99 4.46 -8.24 6.49
C ASN A 99 4.16 -9.39 7.46
N LYS A 100 2.89 -9.58 7.79
CA LYS A 100 2.48 -10.66 8.69
C LYS A 100 2.73 -12.03 8.06
N TYR A 101 2.45 -12.16 6.77
CA TYR A 101 2.71 -13.43 6.10
C TYR A 101 4.18 -13.83 6.15
N LEU A 102 5.07 -12.90 5.83
CA LEU A 102 6.49 -13.22 5.83
C LEU A 102 7.01 -13.50 7.24
N GLN A 103 6.46 -12.82 8.25
CA GLN A 103 6.81 -13.08 9.64
C GLN A 103 6.55 -14.54 9.99
N GLN A 104 5.46 -15.08 9.45
CA GLN A 104 5.00 -16.45 9.74
C GLN A 104 5.54 -17.51 8.76
N ASN A 105 6.26 -17.08 7.73
CA ASN A 105 6.74 -17.98 6.68
C ASN A 105 8.18 -17.66 6.25
N ARG A 106 9.12 -17.96 7.12
CA ARG A 106 10.55 -17.65 6.88
C ARG A 106 11.19 -18.51 5.79
N HIS A 107 10.51 -19.59 5.41
CA HIS A 107 10.97 -20.47 4.34
C HIS A 107 10.81 -19.86 2.95
N VAL A 108 10.06 -18.76 2.84
CA VAL A 108 9.82 -18.14 1.53
C VAL A 108 11.18 -17.81 0.90
N LYS A 109 11.38 -18.26 -0.33
N LYS A 109 11.37 -18.23 -0.34
CA LYS A 109 12.67 -18.09 -1.01
CA LYS A 109 12.66 -18.08 -1.01
C LYS A 109 12.86 -16.66 -1.51
C LYS A 109 12.86 -16.65 -1.52
N ASP A 110 14.13 -16.27 -1.66
CA ASP A 110 14.45 -14.93 -2.15
C ASP A 110 13.83 -14.64 -3.52
N LYS A 111 13.81 -15.63 -4.43
CA LYS A 111 13.19 -15.45 -5.74
C LYS A 111 11.71 -15.11 -5.61
N ASN A 112 11.04 -15.73 -4.64
CA ASN A 112 9.62 -15.49 -4.35
C ASN A 112 9.42 -14.06 -3.82
N ILE A 113 10.33 -13.61 -2.96
CA ILE A 113 10.23 -12.24 -2.45
C ILE A 113 10.43 -11.26 -3.61
N ILE A 114 11.40 -11.53 -4.47
CA ILE A 114 11.65 -10.68 -5.63
C ILE A 114 10.40 -10.61 -6.53
N GLU A 115 9.79 -11.75 -6.76
CA GLU A 115 8.57 -11.85 -7.55
C GLU A 115 7.47 -10.92 -6.98
N LEU A 116 7.28 -10.98 -5.67
CA LEU A 116 6.23 -10.18 -5.02
C LEU A 116 6.54 -8.70 -5.06
N VAL A 117 7.78 -8.32 -4.81
CA VAL A 117 8.10 -6.90 -4.83
C VAL A 117 8.08 -6.37 -6.26
N HIS A 118 8.44 -7.21 -7.24
CA HIS A 118 8.27 -6.82 -8.63
C HIS A 118 6.80 -6.54 -8.95
N GLN A 119 5.90 -7.41 -8.47
CA GLN A 119 4.46 -7.19 -8.69
C GLN A 119 4.01 -5.86 -8.08
N VAL A 120 4.46 -5.55 -6.86
CA VAL A 120 4.16 -4.27 -6.27
C VAL A 120 4.68 -3.13 -7.16
N SER A 121 5.88 -3.27 -7.71
CA SER A 121 6.42 -2.22 -8.59
C SER A 121 5.60 -2.05 -9.88
N MET A 122 5.01 -3.14 -10.36
CA MET A 122 4.14 -3.06 -11.54
C MET A 122 2.87 -2.28 -11.19
N GLY A 123 2.29 -2.56 -10.02
CA GLY A 123 1.10 -1.80 -9.60
C GLY A 123 1.42 -0.33 -9.43
N MET A 124 2.60 -0.03 -8.86
CA MET A 124 3.01 1.35 -8.64
C MET A 124 3.39 2.07 -9.93
N LYS A 125 3.98 1.35 -10.88
N LYS A 125 3.98 1.35 -10.88
CA LYS A 125 4.25 1.94 -12.19
CA LYS A 125 4.25 1.90 -12.22
C LYS A 125 2.92 2.36 -12.84
C LYS A 125 2.93 2.36 -12.85
N TYR A 126 1.88 1.55 -12.69
CA TYR A 126 0.55 1.89 -13.19
C TYR A 126 -0.01 3.10 -12.43
N LEU A 127 0.15 3.12 -11.11
CA LEU A 127 -0.36 4.25 -10.34
C LEU A 127 0.34 5.54 -10.76
N GLU A 128 1.65 5.46 -10.95
CA GLU A 128 2.45 6.59 -11.42
C GLU A 128 1.98 7.07 -12.80
N GLU A 129 1.80 6.13 -13.72
N GLU A 129 1.81 6.15 -13.73
CA GLU A 129 1.28 6.43 -15.07
CA GLU A 129 1.29 6.50 -15.06
C GLU A 129 -0.09 7.11 -14.99
C GLU A 129 -0.08 7.18 -14.94
N SER A 130 -0.89 6.72 -14.01
CA SER A 130 -2.23 7.26 -13.78
C SER A 130 -2.20 8.57 -13.01
N ASN A 131 -1.02 8.96 -12.54
CA ASN A 131 -0.83 10.19 -11.79
C ASN A 131 -1.62 10.26 -10.48
N PHE A 132 -1.63 9.13 -9.78
CA PHE A 132 -2.11 9.06 -8.40
C PHE A 132 -0.90 8.81 -7.52
N VAL A 133 -0.90 9.45 -6.36
CA VAL A 133 0.11 9.18 -5.33
C VAL A 133 -0.55 8.36 -4.23
N HIS A 134 0.11 7.30 -3.76
CA HIS A 134 -0.48 6.42 -2.76
C HIS A 134 -0.42 7.02 -1.35
N ARG A 135 0.79 7.46 -0.98
CA ARG A 135 1.07 8.15 0.29
C ARG A 135 1.04 7.27 1.53
N ASP A 136 0.88 5.95 1.38
CA ASP A 136 0.92 5.03 2.53
C ASP A 136 1.45 3.67 2.11
N LEU A 137 2.45 3.66 1.24
CA LEU A 137 2.99 2.41 0.73
C LEU A 137 3.88 1.85 1.85
N ALA A 138 3.65 0.58 2.16
CA ALA A 138 4.35 -0.10 3.24
C ALA A 138 3.97 -1.57 3.12
N ALA A 139 4.78 -2.46 3.67
CA ALA A 139 4.48 -3.88 3.55
C ALA A 139 3.14 -4.30 4.17
N ARG A 140 2.69 -3.59 5.20
CA ARG A 140 1.38 -3.88 5.80
C ARG A 140 0.24 -3.53 4.84
N ASN A 141 0.52 -2.73 3.81
CA ASN A 141 -0.47 -2.31 2.81
C ASN A 141 -0.28 -2.98 1.46
N VAL A 142 0.31 -4.18 1.49
CA VAL A 142 0.35 -5.07 0.35
C VAL A 142 -0.31 -6.34 0.87
N LEU A 143 -1.28 -6.83 0.11
CA LEU A 143 -2.05 -8.01 0.50
C LEU A 143 -1.74 -9.13 -0.49
N LEU A 144 -1.70 -10.36 0.01
CA LEU A 144 -1.42 -11.52 -0.83
C LEU A 144 -2.70 -12.26 -1.20
N VAL A 145 -2.87 -12.42 -2.49
CA VAL A 145 -3.95 -13.23 -3.06
C VAL A 145 -3.53 -14.69 -2.91
N THR A 146 -2.29 -14.97 -3.30
CA THR A 146 -1.60 -16.25 -3.07
C THR A 146 -0.16 -15.92 -2.67
N GLN A 147 0.63 -16.92 -2.33
CA GLN A 147 2.03 -16.68 -2.00
C GLN A 147 2.83 -16.13 -3.19
N HIS A 148 2.26 -16.20 -4.40
CA HIS A 148 2.91 -15.69 -5.61
C HIS A 148 2.15 -14.56 -6.32
N TYR A 149 1.27 -13.88 -5.57
CA TYR A 149 0.44 -12.84 -6.17
C TYR A 149 0.08 -11.77 -5.13
N ALA A 150 0.71 -10.60 -5.29
CA ALA A 150 0.54 -9.46 -4.39
C ALA A 150 -0.32 -8.37 -5.03
N LYS A 151 -1.06 -7.65 -4.18
CA LYS A 151 -1.86 -6.49 -4.59
C LYS A 151 -1.66 -5.37 -3.59
N ILE A 152 -1.57 -4.15 -4.10
CA ILE A 152 -1.47 -2.95 -3.26
C ILE A 152 -2.85 -2.60 -2.74
N SER A 153 -2.92 -2.25 -1.46
CA SER A 153 -4.17 -1.93 -0.80
C SER A 153 -4.07 -0.58 -0.08
N ASP A 154 -5.12 -0.23 0.65
CA ASP A 154 -5.11 0.89 1.60
C ASP A 154 -4.88 2.25 0.94
N PHE A 155 -5.86 2.64 0.13
CA PHE A 155 -5.82 3.88 -0.63
C PHE A 155 -6.45 5.07 0.10
N GLY A 156 -6.61 4.96 1.42
CA GLY A 156 -7.22 6.03 2.23
C GLY A 156 -6.51 7.36 2.25
N LEU A 157 -5.22 7.39 1.94
CA LEU A 157 -4.46 8.63 1.88
C LEU A 157 -4.08 9.05 0.46
N SER A 158 -4.55 8.28 -0.53
N SER A 158 -4.56 8.29 -0.53
N SER A 158 -4.55 8.28 -0.53
CA SER A 158 -4.13 8.53 -1.92
CA SER A 158 -4.17 8.52 -1.92
CA SER A 158 -4.19 8.50 -1.93
C SER A 158 -4.79 9.76 -2.52
C SER A 158 -4.78 9.77 -2.50
C SER A 158 -4.78 9.77 -2.50
N LYS A 159 -4.08 10.38 -3.46
CA LYS A 159 -4.54 11.62 -4.09
C LYS A 159 -4.34 11.58 -5.59
N ALA A 160 -5.28 12.17 -6.32
CA ALA A 160 -5.18 12.36 -7.75
C ALA A 160 -4.38 13.64 -7.96
N LEU A 161 -3.27 13.57 -8.69
CA LEU A 161 -2.44 14.76 -8.90
C LEU A 161 -3.12 15.76 -9.83
N ARG A 162 -2.89 17.04 -9.55
CA ARG A 162 -3.35 18.09 -10.46
C ARG A 162 -2.70 17.95 -11.83
N ALA A 163 -3.40 18.41 -12.86
CA ALA A 163 -2.87 18.30 -14.22
C ALA A 163 -1.57 19.10 -14.42
N ASP A 164 -1.36 20.12 -13.61
CA ASP A 164 -0.18 20.98 -13.79
C ASP A 164 0.96 20.75 -12.80
N GLU A 165 0.85 19.77 -11.91
CA GLU A 165 1.90 19.50 -10.93
C GLU A 165 2.16 18.00 -10.75
N ASN A 166 3.39 17.64 -10.39
N ASN A 166 3.40 17.67 -10.39
CA ASN A 166 3.70 16.24 -10.13
CA ASN A 166 3.82 16.29 -10.11
C ASN A 166 3.75 15.93 -8.63
C ASN A 166 3.69 15.91 -8.64
N PTR A 167 3.23 16.83 -7.80
CA PTR A 167 3.15 16.58 -6.36
C PTR A 167 1.88 17.09 -5.77
O PTR A 167 1.24 18.00 -6.32
CB PTR A 167 4.36 17.18 -5.64
CG PTR A 167 4.37 18.69 -5.72
CD1 PTR A 167 3.66 19.47 -4.82
CD2 PTR A 167 5.07 19.29 -6.75
CE1 PTR A 167 3.67 20.86 -4.94
CE2 PTR A 167 5.10 20.68 -6.86
CZ PTR A 167 4.40 21.47 -5.97
OH PTR A 167 4.41 22.85 -6.09
P PTR A 167 5.72 23.76 -5.89
O1P PTR A 167 5.14 25.16 -5.90
O2P PTR A 167 6.29 23.32 -4.57
O3P PTR A 167 6.64 23.50 -7.06
N TYR A 168 1.51 16.49 -4.65
CA TYR A 168 0.41 16.93 -3.80
C TYR A 168 1.03 17.59 -2.56
N LYS A 169 0.54 18.77 -2.21
CA LYS A 169 1.04 19.52 -1.06
C LYS A 169 0.07 19.32 0.10
N ALA A 170 0.53 18.63 1.14
CA ALA A 170 -0.33 18.34 2.28
C ALA A 170 -0.64 19.62 3.05
N GLN A 171 -1.88 19.73 3.52
CA GLN A 171 -2.37 20.90 4.23
C GLN A 171 -2.36 20.66 5.74
N GLY A 174 -3.07 14.15 9.96
CA GLY A 174 -3.56 12.78 10.06
C GLY A 174 -2.43 11.81 10.31
N LYS A 175 -2.52 10.62 9.72
CA LYS A 175 -1.45 9.63 9.86
C LYS A 175 -0.15 10.22 9.32
N TRP A 176 0.93 10.00 10.06
CA TRP A 176 2.25 10.51 9.68
C TRP A 176 3.27 9.38 9.84
N PRO A 177 3.21 8.37 8.96
CA PRO A 177 4.11 7.22 9.02
C PRO A 177 5.52 7.63 8.60
N VAL A 178 6.19 8.38 9.49
CA VAL A 178 7.52 8.97 9.25
C VAL A 178 8.54 7.99 8.72
N LYS A 179 8.51 6.77 9.23
CA LYS A 179 9.47 5.75 8.81
C LYS A 179 9.36 5.36 7.35
N TRP A 180 8.22 5.63 6.71
CA TRP A 180 8.06 5.33 5.27
C TRP A 180 8.11 6.58 4.39
N TYR A 181 8.28 7.76 5.01
CA TYR A 181 8.19 9.01 4.27
C TYR A 181 9.53 9.56 3.82
N ALA A 182 9.56 10.06 2.58
CA ALA A 182 10.77 10.66 2.02
C ALA A 182 11.08 11.98 2.72
N PRO A 183 12.34 12.43 2.65
CA PRO A 183 12.69 13.68 3.33
C PRO A 183 11.85 14.89 2.90
N GLU A 184 11.49 14.97 1.62
CA GLU A 184 10.70 16.11 1.14
C GLU A 184 9.27 16.09 1.70
N CYS A 185 8.76 14.91 2.05
CA CYS A 185 7.46 14.80 2.70
C CYS A 185 7.52 15.39 4.10
N ILE A 186 8.58 15.03 4.82
CA ILE A 186 8.78 15.45 6.19
C ILE A 186 9.04 16.95 6.28
N ASN A 187 9.87 17.47 5.38
CA ASN A 187 10.33 18.85 5.45
C ASN A 187 9.48 19.86 4.68
N TYR A 188 8.93 19.46 3.55
CA TYR A 188 8.13 20.38 2.71
C TYR A 188 6.70 19.92 2.43
N TYR A 189 6.29 18.78 3.01
CA TYR A 189 4.92 18.27 2.90
C TYR A 189 4.51 17.97 1.45
N LYS A 190 5.49 17.63 0.62
CA LYS A 190 5.26 17.37 -0.80
C LYS A 190 5.30 15.89 -1.10
N PHE A 191 4.21 15.38 -1.67
CA PHE A 191 4.05 13.96 -1.98
C PHE A 191 3.92 13.75 -3.49
N SER A 192 4.77 12.90 -4.04
CA SER A 192 4.82 12.64 -5.46
C SER A 192 5.03 11.15 -5.70
N SER A 193 4.99 10.71 -6.96
CA SER A 193 5.36 9.34 -7.23
C SER A 193 6.80 9.05 -6.73
N LYS A 194 7.69 10.03 -6.79
CA LYS A 194 9.05 9.87 -6.25
C LYS A 194 9.03 9.60 -4.74
N SER A 195 8.13 10.27 -4.02
N SER A 195 8.15 10.25 -3.98
CA SER A 195 7.96 10.01 -2.59
CA SER A 195 8.10 9.93 -2.54
C SER A 195 7.55 8.55 -2.40
C SER A 195 7.51 8.52 -2.34
N ASP A 196 6.62 8.09 -3.23
CA ASP A 196 6.14 6.70 -3.18
C ASP A 196 7.30 5.73 -3.44
N VAL A 197 8.23 6.12 -4.32
CA VAL A 197 9.43 5.30 -4.57
C VAL A 197 10.26 5.15 -3.31
N TRP A 198 10.45 6.23 -2.55
CA TRP A 198 11.17 6.13 -1.27
C TRP A 198 10.47 5.10 -0.37
N SER A 199 9.15 5.24 -0.24
N SER A 199 9.15 5.22 -0.27
CA SER A 199 8.35 4.29 0.56
CA SER A 199 8.36 4.31 0.56
C SER A 199 8.56 2.87 0.07
C SER A 199 8.49 2.87 0.08
N PHE A 200 8.59 2.68 -1.24
CA PHE A 200 8.79 1.35 -1.83
C PHE A 200 10.13 0.79 -1.42
N GLY A 201 11.16 1.62 -1.33
CA GLY A 201 12.44 1.18 -0.82
C GLY A 201 12.31 0.60 0.60
N VAL A 202 11.58 1.29 1.45
CA VAL A 202 11.35 0.80 2.82
C VAL A 202 10.58 -0.52 2.76
N LEU A 203 9.57 -0.59 1.92
CA LEU A 203 8.79 -1.80 1.71
C LEU A 203 9.72 -2.96 1.27
N MET A 204 10.64 -2.72 0.35
CA MET A 204 11.60 -3.77 -0.05
C MET A 204 12.40 -4.24 1.15
N TRP A 205 12.89 -3.29 1.95
CA TRP A 205 13.66 -3.64 3.15
C TRP A 205 12.80 -4.54 4.06
N GLU A 206 11.54 -4.17 4.27
CA GLU A 206 10.63 -4.95 5.09
C GLU A 206 10.47 -6.37 4.54
N ALA A 207 10.26 -6.47 3.23
CA ALA A 207 10.01 -7.78 2.61
C ALA A 207 11.22 -8.70 2.75
N PHE A 208 12.42 -8.18 2.51
CA PHE A 208 13.64 -9.00 2.61
C PHE A 208 14.04 -9.22 4.06
N SER A 209 13.42 -8.48 4.99
CA SER A 209 13.57 -8.69 6.42
C SER A 209 12.42 -9.51 7.01
N TYR A 210 11.69 -10.20 6.14
CA TYR A 210 10.57 -11.06 6.54
C TYR A 210 9.57 -10.37 7.47
N GLY A 211 9.23 -9.12 7.13
CA GLY A 211 8.23 -8.41 7.88
C GLY A 211 8.64 -7.70 9.16
N GLN A 212 9.95 -7.53 9.35
N GLN A 212 9.94 -7.55 9.39
CA GLN A 212 10.49 -6.76 10.48
CA GLN A 212 10.39 -6.77 10.54
C GLN A 212 10.08 -5.29 10.30
C GLN A 212 10.07 -5.31 10.32
N LYS A 213 9.84 -4.57 11.40
CA LYS A 213 9.56 -3.14 11.31
C LYS A 213 10.86 -2.42 11.01
N PRO A 214 10.80 -1.39 10.15
CA PRO A 214 12.01 -0.62 9.85
C PRO A 214 12.39 0.32 11.00
N TYR A 215 13.67 0.69 11.05
CA TYR A 215 14.18 1.63 12.04
C TYR A 215 13.76 1.24 13.45
N ARG A 216 13.95 -0.03 13.79
CA ARG A 216 13.40 -0.47 15.06
C ARG A 216 14.06 0.22 16.25
N GLY A 217 13.24 0.55 17.23
CA GLY A 217 13.68 1.19 18.45
C GLY A 217 13.95 2.68 18.35
N MET A 218 13.74 3.27 17.17
CA MET A 218 14.06 4.67 16.96
C MET A 218 12.82 5.54 16.98
N LYS A 219 12.96 6.74 17.54
CA LYS A 219 11.90 7.75 17.48
C LYS A 219 11.90 8.37 16.08
N GLY A 220 10.75 8.90 15.65
CA GLY A 220 10.65 9.54 14.34
C GLY A 220 11.73 10.61 14.14
N SER A 221 11.95 11.43 15.17
CA SER A 221 12.94 12.51 15.08
C SER A 221 14.34 11.96 14.85
N GLU A 222 14.63 10.80 15.45
CA GLU A 222 15.92 10.14 15.30
C GLU A 222 16.06 9.56 13.89
N VAL A 223 14.98 9.04 13.33
CA VAL A 223 15.01 8.55 11.95
C VAL A 223 15.32 9.72 11.00
N THR A 224 14.61 10.83 11.18
CA THR A 224 14.82 12.00 10.33
C THR A 224 16.27 12.48 10.42
N ALA A 225 16.81 12.56 11.62
CA ALA A 225 18.21 13.00 11.79
C ALA A 225 19.18 12.03 11.11
N MET A 226 18.94 10.73 11.25
CA MET A 226 19.77 9.70 10.62
C MET A 226 19.81 9.89 9.11
N LEU A 227 18.65 10.05 8.51
CA LEU A 227 18.54 10.22 7.07
C LEU A 227 19.17 11.52 6.61
N GLU A 228 19.03 12.58 7.39
CA GLU A 228 19.61 13.87 7.07
C GLU A 228 21.12 13.81 7.00
N LYS A 229 21.74 12.99 7.85
CA LYS A 229 23.21 12.84 7.81
C LYS A 229 23.71 11.75 6.84
N GLY A 230 22.83 11.31 5.93
CA GLY A 230 23.21 10.40 4.86
C GLY A 230 23.29 8.94 5.22
N GLU A 231 22.78 8.57 6.39
CA GLU A 231 22.83 7.19 6.85
C GLU A 231 21.52 6.48 6.50
N ARG A 232 21.64 5.17 6.30
CA ARG A 232 20.52 4.35 5.85
C ARG A 232 20.53 3.00 6.57
N MET A 233 19.37 2.35 6.58
CA MET A 233 19.28 1.00 7.13
C MET A 233 20.22 0.09 6.36
N GLY A 234 20.75 -0.89 7.08
CA GLY A 234 21.67 -1.88 6.51
C GLY A 234 20.96 -2.94 5.68
N CYS A 235 21.77 -3.78 5.05
CA CYS A 235 21.30 -4.85 4.20
C CYS A 235 20.72 -6.00 5.04
N PRO A 236 19.46 -6.40 4.78
CA PRO A 236 18.90 -7.52 5.54
C PRO A 236 19.69 -8.82 5.32
N ALA A 237 19.70 -9.68 6.33
CA ALA A 237 20.39 -10.96 6.26
C ALA A 237 19.86 -11.74 5.06
N GLY A 238 20.77 -12.21 4.21
CA GLY A 238 20.40 -13.00 3.03
C GLY A 238 19.81 -12.22 1.86
N CYS A 239 19.73 -10.90 1.98
CA CYS A 239 19.16 -10.12 0.90
C CYS A 239 20.18 -10.00 -0.24
N PRO A 240 19.76 -10.33 -1.48
CA PRO A 240 20.70 -10.15 -2.58
C PRO A 240 21.23 -8.72 -2.67
N ARG A 241 22.51 -8.59 -2.96
CA ARG A 241 23.14 -7.26 -3.01
C ARG A 241 22.47 -6.34 -4.02
N GLU A 242 22.08 -6.89 -5.17
CA GLU A 242 21.41 -6.10 -6.20
C GLU A 242 20.11 -5.49 -5.66
N MET A 243 19.40 -6.22 -4.81
CA MET A 243 18.17 -5.72 -4.20
C MET A 243 18.43 -4.65 -3.15
N TYR A 244 19.47 -4.82 -2.34
CA TYR A 244 19.86 -3.77 -1.41
C TYR A 244 20.33 -2.52 -2.18
N ASP A 245 21.07 -2.70 -3.26
CA ASP A 245 21.51 -1.56 -4.08
C ASP A 245 20.28 -0.78 -4.59
N LEU A 246 19.23 -1.49 -4.97
CA LEU A 246 18.01 -0.84 -5.44
C LEU A 246 17.31 -0.08 -4.30
N MET A 247 17.28 -0.66 -3.11
CA MET A 247 16.74 0.05 -1.93
C MET A 247 17.45 1.38 -1.72
N ASN A 248 18.78 1.35 -1.74
CA ASN A 248 19.56 2.57 -1.57
C ASN A 248 19.26 3.60 -2.64
N LEU A 249 19.04 3.15 -3.89
CA LEU A 249 18.68 4.06 -4.96
C LEU A 249 17.31 4.69 -4.70
N CYS A 250 16.36 3.88 -4.20
CA CYS A 250 15.06 4.40 -3.82
C CYS A 250 15.15 5.44 -2.70
N TRP A 251 16.18 5.30 -1.87
CA TRP A 251 16.42 6.25 -0.78
C TRP A 251 17.40 7.37 -1.19
N THR A 252 17.37 7.75 -2.47
CA THR A 252 18.15 8.90 -2.94
C THR A 252 17.52 10.14 -2.34
N TYR A 253 18.33 10.95 -1.68
CA TYR A 253 17.80 12.11 -0.98
C TYR A 253 17.16 13.11 -1.98
N ASP A 254 17.88 13.43 -3.04
CA ASP A 254 17.42 14.36 -4.08
C ASP A 254 16.22 13.77 -4.85
N VAL A 255 15.10 14.47 -4.84
CA VAL A 255 13.90 13.99 -5.54
C VAL A 255 14.12 13.80 -7.03
N GLU A 256 14.78 14.77 -7.67
CA GLU A 256 15.00 14.68 -9.11
C GLU A 256 15.88 13.50 -9.50
N ASN A 257 16.90 13.22 -8.70
CA ASN A 257 17.82 12.11 -9.00
C ASN A 257 17.28 10.73 -8.62
N ARG A 258 16.27 10.70 -7.76
CA ARG A 258 15.64 9.45 -7.35
C ARG A 258 14.90 8.85 -8.54
N PRO A 259 14.98 7.52 -8.73
CA PRO A 259 14.29 6.93 -9.88
C PRO A 259 12.79 6.96 -9.73
N GLY A 260 12.09 6.91 -10.84
CA GLY A 260 10.64 6.75 -10.84
C GLY A 260 10.32 5.27 -10.91
N PHE A 261 9.04 4.94 -10.86
CA PHE A 261 8.65 3.54 -10.90
C PHE A 261 8.92 2.82 -12.20
N ALA A 262 8.92 3.52 -13.34
CA ALA A 262 9.28 2.83 -14.58
C ALA A 262 10.69 2.24 -14.47
N ALA A 263 11.64 3.03 -13.97
CA ALA A 263 13.02 2.55 -13.80
C ALA A 263 13.13 1.48 -12.71
N VAL A 264 12.40 1.66 -11.61
CA VAL A 264 12.43 0.67 -10.53
C VAL A 264 11.84 -0.66 -10.99
N GLU A 265 10.69 -0.62 -11.65
CA GLU A 265 10.07 -1.84 -12.17
C GLU A 265 10.97 -2.57 -13.16
N LEU A 266 11.62 -1.82 -14.03
CA LEU A 266 12.51 -2.42 -15.03
C LEU A 266 13.72 -3.09 -14.36
N ARG A 267 14.29 -2.47 -13.34
CA ARG A 267 15.39 -3.07 -12.59
C ARG A 267 14.96 -4.39 -11.96
N LEU A 268 13.77 -4.41 -11.36
CA LEU A 268 13.24 -5.64 -10.76
C LEU A 268 12.92 -6.70 -11.80
N ARG A 269 12.32 -6.28 -12.91
CA ARG A 269 11.98 -7.17 -14.01
C ARG A 269 13.22 -7.90 -14.51
N ASN A 270 14.28 -7.13 -14.76
CA ASN A 270 15.52 -7.71 -15.28
C ASN A 270 16.20 -8.65 -14.28
N TYR A 271 16.24 -8.26 -12.99
CA TYR A 271 16.85 -9.12 -11.99
C TYR A 271 16.08 -10.43 -11.81
N TYR A 272 14.75 -10.34 -11.81
CA TYR A 272 13.92 -11.53 -11.67
C TYR A 272 14.15 -12.52 -12.82
N TYR A 273 14.34 -12.00 -14.03
CA TYR A 273 14.59 -12.86 -15.20
C TYR A 273 16.08 -13.05 -15.53
N ASP A 274 16.96 -12.80 -14.56
CA ASP A 274 18.41 -13.02 -14.71
C ASP A 274 18.98 -12.33 -15.95
C10 6ZG B . -8.29 -7.96 2.45
C13 6ZG B . -9.12 -5.73 1.21
C15 6ZG B . -8.38 -6.73 3.13
C20 6ZG B . -5.45 -4.15 6.13
C21 6ZG B . -3.95 -4.22 5.98
C01 6ZG B . -5.34 -13.42 7.57
C02 6ZG B . -5.91 -12.27 6.76
C03 6ZG B . -6.45 -12.49 5.50
C04 6ZG B . -6.97 -11.44 4.76
C05 6ZG B . -6.98 -10.15 5.26
C06 6ZG B . -6.44 -9.94 6.52
C07 6ZG B . -5.90 -10.98 7.25
C08 6ZG B . -7.51 -9.01 4.48
C09 6ZG B . -7.84 -9.11 3.14
N11 6ZG B . -8.62 -8.06 1.13
C12 6ZG B . -9.03 -6.94 0.55
N14 6ZG B . -8.81 -5.60 2.49
C16 6ZG B . -8.00 -6.71 4.51
N17 6ZG B . -8.06 -5.59 5.22
C18 6ZG B . -7.56 -5.46 6.59
C19 6ZG B . -6.04 -5.45 6.64
N22 6ZG B . -3.38 -2.93 5.58
N23 6ZG B . -7.57 -7.83 5.13
C1 GOL C . -8.17 -2.09 2.06
O1 GOL C . -7.65 -1.40 0.90
C2 GOL C . -8.74 -1.12 3.08
O2 GOL C . -9.81 -0.35 2.52
C3 GOL C . -9.29 -1.91 4.27
O3 GOL C . -8.30 -2.77 4.82
C1 GOL D . -18.75 4.70 -6.00
O1 GOL D . -18.99 3.41 -6.59
C2 GOL D . -17.47 5.30 -6.58
O2 GOL D . -16.73 5.96 -5.55
C3 GOL D . -17.80 6.30 -7.69
O3 GOL D . -16.65 7.11 -7.97
S DMS E . -17.54 2.59 20.31
O DMS E . -17.40 2.50 18.83
C1 DMS E . -17.99 1.05 20.89
C2 DMS E . -15.99 2.73 21.00
#